data_3FZQ
#
_entry.id   3FZQ
#
_cell.length_a   49.232
_cell.length_b   55.737
_cell.length_c   116.778
_cell.angle_alpha   90.000
_cell.angle_beta   96.970
_cell.angle_gamma   90.000
#
_symmetry.space_group_name_H-M   'P 1 21 1'
#
loop_
_entity.id
_entity.type
_entity.pdbx_description
1 polymer 'Putative hydrolase'
2 non-polymer 'PHOSPHATE ION'
3 non-polymer 1,2-ETHANEDIOL
4 non-polymer 'SODIUM ION'
5 water water
#
_entity_poly.entity_id   1
_entity_poly.type   'polypeptide(L)'
_entity_poly.pdbx_seq_one_letter_code
;G(MSE)KLYKLLILDIDGTLRDEVYGIPESAKHAIRLCQKNHCSVVICTGRS(MSE)GTIQDDVLSLGVDGYIAGGGNYI
QYHGELLYNQSFNQRLIKEVVCLLKKREVAFSIESQEKVF(MSE)NQKAKEIFET(MSE)NQLKGTNSCINKQHIQEKIT
YENNIEEYKSQDIHKICLWSNEKVFDEVKDILQDK(MSE)ELAQRDISSQYYEIIQKDFHKGKAIKRLQERLGVTQKETI
CFGDGQNDIV(MSE)FQASDVTIA(MSE)KNSHQQLKDIATSICEDIFDNGIYKELKRRNII
;
_entity_poly.pdbx_strand_id   A,B
#
loop_
_chem_comp.id
_chem_comp.type
_chem_comp.name
_chem_comp.formula
EDO non-polymer 1,2-ETHANEDIOL 'C2 H6 O2'
NA non-polymer 'SODIUM ION' 'Na 1'
PO4 non-polymer 'PHOSPHATE ION' 'O4 P -3'
#
# COMPACT_ATOMS: atom_id res chain seq x y z
N LEU A 4 18.72 29.75 4.27
CA LEU A 4 18.23 29.19 2.97
C LEU A 4 17.42 27.91 3.23
N TYR A 5 16.11 27.98 3.02
CA TYR A 5 15.21 26.85 3.26
C TYR A 5 15.33 25.79 2.16
N LYS A 6 15.38 24.52 2.60
CA LYS A 6 15.51 23.36 1.70
C LYS A 6 14.24 22.52 1.58
N LEU A 7 13.26 22.73 2.46
CA LEU A 7 12.02 21.96 2.45
C LEU A 7 10.79 22.82 2.78
N LEU A 8 9.90 22.96 1.80
CA LEU A 8 8.62 23.60 2.01
C LEU A 8 7.63 22.47 2.18
N ILE A 9 7.04 22.39 3.37
CA ILE A 9 5.98 21.43 3.66
C ILE A 9 4.65 22.16 3.45
N LEU A 10 3.79 21.63 2.60
CA LEU A 10 2.48 22.21 2.37
C LEU A 10 1.39 21.22 2.69
N ASP A 11 0.42 21.71 3.45
CA ASP A 11 -0.82 21.01 3.71
C ASP A 11 -1.65 21.12 2.41
N ILE A 12 -2.74 20.37 2.25
CA ILE A 12 -3.63 20.52 1.07
C ILE A 12 -4.86 21.36 1.37
N ASP A 13 -5.75 20.80 2.18
CA ASP A 13 -7.09 21.35 2.39
C ASP A 13 -7.04 22.57 3.32
N GLY A 14 -7.57 23.69 2.86
CA GLY A 14 -7.54 24.94 3.64
C GLY A 14 -6.23 25.73 3.70
N THR A 15 -5.15 25.25 3.08
CA THR A 15 -3.86 25.98 3.03
C THR A 15 -3.42 26.23 1.59
N LEU A 16 -3.18 25.15 0.86
CA LEU A 16 -2.76 25.15 -0.54
C LEU A 16 -3.97 25.26 -1.45
N ARG A 17 -5.02 24.50 -1.09
CA ARG A 17 -6.21 24.35 -1.92
C ARG A 17 -7.52 24.72 -1.22
N ASP A 18 -8.28 25.63 -1.83
CA ASP A 18 -9.61 26.04 -1.34
C ASP A 18 -10.60 24.95 -1.72
N GLU A 19 -11.48 24.57 -0.81
CA GLU A 19 -12.47 23.50 -1.06
C GLU A 19 -13.40 23.73 -2.24
N VAL A 20 -13.70 25.01 -2.56
CA VAL A 20 -14.56 25.34 -3.70
C VAL A 20 -13.74 25.78 -4.93
N TYR A 21 -12.75 26.66 -4.71
CA TYR A 21 -12.01 27.28 -5.83
C TYR A 21 -10.65 26.65 -6.24
N GLY A 22 -10.19 25.64 -5.50
CA GLY A 22 -8.95 24.95 -5.85
C GLY A 22 -7.69 25.69 -5.45
N ILE A 23 -6.66 25.55 -6.27
CA ILE A 23 -5.32 26.08 -5.98
C ILE A 23 -5.11 27.37 -6.78
N PRO A 24 -4.76 28.48 -6.09
CA PRO A 24 -4.50 29.73 -6.83
C PRO A 24 -3.20 29.67 -7.63
N GLU A 25 -3.16 30.39 -8.75
CA GLU A 25 -1.96 30.43 -9.58
C GLU A 25 -0.70 30.88 -8.85
N SER A 26 -0.85 31.81 -7.90
CA SER A 26 0.29 32.31 -7.10
C SER A 26 0.96 31.20 -6.29
N ALA A 27 0.15 30.28 -5.77
CA ALA A 27 0.64 29.12 -5.03
C ALA A 27 1.41 28.17 -5.96
N LYS A 28 0.84 27.89 -7.14
CA LYS A 28 1.48 27.05 -8.16
C LYS A 28 2.81 27.67 -8.58
N HIS A 29 2.78 28.97 -8.85
CA HIS A 29 3.97 29.75 -9.21
C HIS A 29 4.99 29.78 -8.06
N ALA A 30 4.52 29.95 -6.83
CA ALA A 30 5.41 29.94 -5.65
C ALA A 30 6.12 28.59 -5.49
N ILE A 31 5.42 27.49 -5.80
CA ILE A 31 6.00 26.12 -5.73
C ILE A 31 7.12 25.99 -6.77
N ARG A 32 6.82 26.37 -8.01
CA ARG A 32 7.82 26.38 -9.11
C ARG A 32 9.05 27.22 -8.77
N LEU A 33 8.80 28.34 -8.10
CA LEU A 33 9.84 29.28 -7.69
C LEU A 33 10.69 28.68 -6.57
N CYS A 34 10.07 28.02 -5.60
CA CYS A 34 10.82 27.33 -4.50
C CYS A 34 11.77 26.26 -5.04
N GLN A 35 11.23 25.45 -5.95
CA GLN A 35 11.95 24.37 -6.63
C GLN A 35 13.11 24.91 -7.45
N LYS A 36 12.84 26.00 -8.19
CA LYS A 36 13.88 26.72 -8.94
C LYS A 36 15.03 27.16 -8.00
N ASN A 37 14.68 27.53 -6.75
CA ASN A 37 15.66 27.90 -5.68
C ASN A 37 16.16 26.70 -4.83
N HIS A 38 16.08 25.49 -5.38
CA HIS A 38 16.52 24.24 -4.74
C HIS A 38 15.89 23.92 -3.38
N CYS A 39 14.67 24.42 -3.18
CA CYS A 39 13.88 24.14 -1.99
C CYS A 39 12.85 23.12 -2.43
N SER A 40 12.87 21.93 -1.83
CA SER A 40 11.90 20.89 -2.14
C SER A 40 10.51 21.26 -1.62
N VAL A 41 9.49 20.88 -2.39
CA VAL A 41 8.10 21.12 -2.03
C VAL A 41 7.47 19.75 -1.84
N VAL A 42 7.00 19.49 -0.62
CA VAL A 42 6.42 18.21 -0.25
C VAL A 42 5.03 18.47 0.34
N ILE A 43 4.02 17.82 -0.22
CA ILE A 43 2.66 17.85 0.31
C ILE A 43 2.62 17.02 1.62
N CYS A 44 1.93 17.53 2.64
CA CYS A 44 1.80 16.86 3.93
C CYS A 44 0.34 16.89 4.31
N THR A 45 -0.37 15.80 4.00
CA THR A 45 -1.81 15.73 4.12
C THR A 45 -2.31 14.48 4.81
N GLY A 46 -3.47 14.60 5.45
CA GLY A 46 -4.23 13.48 5.99
C GLY A 46 -4.82 12.61 4.87
N ARG A 47 -4.92 13.16 3.66
CA ARG A 47 -5.43 12.41 2.52
C ARG A 47 -4.46 11.32 2.13
N SER A 48 -5.02 10.24 1.57
CA SER A 48 -4.22 9.14 1.03
C SER A 48 -3.85 9.56 -0.38
N MSE A 49 -2.83 8.93 -0.97
CA MSE A 49 -2.52 9.14 -2.40
C MSE A 49 -3.75 8.92 -3.28
O MSE A 49 -3.86 9.53 -4.33
CB MSE A 49 -1.40 8.20 -2.91
CG MSE A 49 -0.03 8.40 -2.28
SE MSE A 49 0.59 10.15 -2.50
CE MSE A 49 0.97 10.18 -4.37
N GLY A 50 -4.66 8.03 -2.85
CA GLY A 50 -5.90 7.77 -3.55
C GLY A 50 -7.00 8.81 -3.46
N THR A 51 -6.95 9.67 -2.43
CA THR A 51 -7.92 10.76 -2.23
C THR A 51 -7.34 12.13 -2.55
N ILE A 52 -6.02 12.23 -2.73
CA ILE A 52 -5.39 13.49 -3.14
C ILE A 52 -5.94 13.90 -4.50
N GLN A 53 -6.33 15.16 -4.61
CA GLN A 53 -7.01 15.70 -5.77
C GLN A 53 -6.04 15.87 -6.93
N ASP A 54 -6.56 15.71 -8.15
CA ASP A 54 -5.77 15.79 -9.39
C ASP A 54 -5.03 17.10 -9.56
N ASP A 55 -5.61 18.23 -9.12
CA ASP A 55 -4.93 19.53 -9.21
C ASP A 55 -3.68 19.58 -8.30
N VAL A 56 -3.71 18.86 -7.17
CA VAL A 56 -2.53 18.70 -6.32
C VAL A 56 -1.49 17.83 -7.05
N LEU A 57 -1.94 16.75 -7.69
CA LEU A 57 -1.05 15.82 -8.42
C LEU A 57 -0.40 16.47 -9.66
N SER A 58 -1.10 17.41 -10.29
CA SER A 58 -0.59 18.15 -11.44
C SER A 58 0.48 19.21 -11.12
N LEU A 59 0.64 19.57 -9.84
CA LEU A 59 1.61 20.59 -9.40
C LEU A 59 3.07 20.26 -9.62
N GLY A 60 3.41 18.98 -9.68
CA GLY A 60 4.81 18.57 -9.83
C GLY A 60 5.61 18.81 -8.57
N VAL A 61 5.03 18.49 -7.42
CA VAL A 61 5.71 18.64 -6.12
C VAL A 61 6.86 17.61 -6.05
N ASP A 62 7.83 17.86 -5.17
CA ASP A 62 8.96 16.92 -5.04
C ASP A 62 8.58 15.60 -4.36
N GLY A 63 7.57 15.63 -3.49
CA GLY A 63 7.13 14.44 -2.78
C GLY A 63 5.79 14.60 -2.10
N TYR A 64 5.36 13.52 -1.45
CA TYR A 64 4.07 13.45 -0.77
C TYR A 64 4.17 12.65 0.56
N ILE A 65 3.85 13.33 1.67
CA ILE A 65 3.66 12.70 2.96
C ILE A 65 2.13 12.60 3.01
N ALA A 66 1.63 11.36 2.97
CA ALA A 66 0.19 11.10 2.87
C ALA A 66 -0.25 10.23 4.04
N GLY A 67 -1.54 9.96 4.10
CA GLY A 67 -2.19 9.21 5.16
C GLY A 67 -2.09 9.83 6.54
N GLY A 68 -1.86 11.14 6.59
CA GLY A 68 -1.62 11.83 7.84
C GLY A 68 -0.26 11.55 8.42
N GLY A 69 0.66 10.98 7.63
CA GLY A 69 2.03 10.65 8.05
C GLY A 69 2.48 9.20 7.96
N ASN A 70 1.63 8.26 7.53
CA ASN A 70 2.05 6.86 7.40
C ASN A 70 2.79 6.55 6.10
N TYR A 71 2.64 7.42 5.10
CA TYR A 71 3.14 7.22 3.74
C TYR A 71 4.06 8.37 3.36
N ILE A 72 5.28 8.07 2.90
CA ILE A 72 6.22 9.09 2.44
C ILE A 72 6.80 8.64 1.10
N GLN A 73 6.66 9.49 0.09
CA GLN A 73 7.16 9.30 -1.25
C GLN A 73 7.95 10.56 -1.60
N TYR A 74 9.10 10.38 -2.26
CA TYR A 74 9.92 11.52 -2.67
C TYR A 74 10.61 11.23 -4.01
N HIS A 75 10.40 12.13 -4.98
CA HIS A 75 10.91 12.00 -6.35
C HIS A 75 10.46 10.64 -6.91
N GLY A 76 9.20 10.27 -6.59
CA GLY A 76 8.57 9.01 -7.01
C GLY A 76 8.92 7.77 -6.21
N GLU A 77 9.94 7.87 -5.34
CA GLU A 77 10.45 6.75 -4.60
C GLU A 77 9.63 6.59 -3.32
N LEU A 78 8.95 5.46 -3.16
CA LEU A 78 8.21 5.21 -1.92
C LEU A 78 9.22 4.88 -0.82
N LEU A 79 9.31 5.75 0.18
CA LEU A 79 10.29 5.60 1.27
C LEU A 79 9.70 4.94 2.49
N TYR A 80 8.45 5.29 2.83
CA TYR A 80 7.75 4.76 3.99
C TYR A 80 6.29 4.47 3.66
N ASN A 81 5.76 3.37 4.19
CA ASN A 81 4.35 2.97 3.95
C ASN A 81 3.87 2.04 5.07
N GLN A 82 3.64 2.61 6.25
CA GLN A 82 3.23 1.86 7.43
C GLN A 82 1.71 1.65 7.52
N SER A 83 1.29 0.43 7.83
CA SER A 83 -0.11 0.09 8.01
C SER A 83 -0.35 -0.66 9.32
N PHE A 84 -1.57 -0.53 9.86
CA PHE A 84 -1.95 -1.20 11.11
C PHE A 84 -1.86 -2.70 10.99
N ASN A 85 -1.74 -3.37 12.15
CA ASN A 85 -1.81 -4.83 12.19
C ASN A 85 -3.22 -5.21 11.72
N GLN A 86 -3.27 -6.07 10.74
CA GLN A 86 -4.50 -6.51 10.10
C GLN A 86 -5.48 -7.18 11.05
N ARG A 87 -4.97 -7.96 12.01
CA ARG A 87 -5.82 -8.61 13.02
C ARG A 87 -6.53 -7.61 13.95
N LEU A 88 -5.83 -6.54 14.33
CA LEU A 88 -6.35 -5.44 15.15
C LEU A 88 -7.44 -4.66 14.44
N ILE A 89 -7.24 -4.43 13.13
CA ILE A 89 -8.22 -3.76 12.29
C ILE A 89 -9.48 -4.62 12.21
N LYS A 90 -9.35 -5.94 12.03
CA LYS A 90 -10.53 -6.84 12.05
C LYS A 90 -11.35 -6.72 13.33
N GLU A 91 -10.67 -6.71 14.48
CA GLU A 91 -11.32 -6.54 15.81
C GLU A 91 -12.06 -5.23 15.88
N VAL A 92 -11.38 -4.16 15.46
CA VAL A 92 -11.96 -2.82 15.46
C VAL A 92 -13.18 -2.79 14.53
N VAL A 93 -13.04 -3.27 13.29
CA VAL A 93 -14.18 -3.27 12.32
C VAL A 93 -15.37 -4.07 12.85
N CYS A 94 -15.07 -5.22 13.46
CA CYS A 94 -16.06 -6.10 14.09
C CYS A 94 -16.82 -5.38 15.24
N LEU A 95 -16.05 -4.73 16.12
CA LEU A 95 -16.59 -3.92 17.25
C LEU A 95 -17.48 -2.77 16.80
N LEU A 96 -17.03 -2.00 15.82
CA LEU A 96 -17.76 -0.82 15.33
C LEU A 96 -19.04 -1.14 14.54
N LYS A 97 -19.06 -2.28 13.85
CA LYS A 97 -20.28 -2.76 13.18
C LYS A 97 -21.38 -3.07 14.21
N LYS A 98 -21.00 -3.70 15.31
CA LYS A 98 -21.96 -4.07 16.38
C LYS A 98 -22.40 -2.89 17.24
N ARG A 99 -21.52 -1.90 17.42
CA ARG A 99 -21.87 -0.66 18.15
C ARG A 99 -22.77 0.29 17.33
N GLU A 100 -22.86 0.06 16.02
CA GLU A 100 -23.76 0.79 15.10
C GLU A 100 -23.54 2.30 15.05
N VAL A 101 -22.26 2.64 14.95
CA VAL A 101 -21.75 4.00 14.90
C VAL A 101 -21.17 4.22 13.50
N ALA A 102 -21.12 5.48 13.06
CA ALA A 102 -20.52 5.82 11.76
C ALA A 102 -19.03 5.63 11.87
N PHE A 103 -18.43 4.99 10.86
CA PHE A 103 -16.98 4.86 10.82
C PHE A 103 -16.49 4.57 9.42
N SER A 104 -15.22 4.88 9.20
CA SER A 104 -14.56 4.54 7.95
C SER A 104 -13.13 4.15 8.25
N ILE A 105 -12.58 3.31 7.36
CA ILE A 105 -11.20 2.89 7.43
C ILE A 105 -10.61 3.19 6.05
N GLU A 106 -9.34 3.53 6.05
CA GLU A 106 -8.67 3.91 4.82
C GLU A 106 -7.45 3.13 4.51
N SER A 107 -7.36 2.70 3.25
CA SER A 107 -6.14 2.16 2.69
C SER A 107 -5.56 3.35 1.92
N GLN A 108 -4.42 3.13 1.29
CA GLN A 108 -3.78 4.18 0.52
C GLN A 108 -4.53 4.43 -0.80
N GLU A 109 -5.33 3.46 -1.23
CA GLU A 109 -6.13 3.60 -2.45
C GLU A 109 -7.57 3.98 -2.24
N LYS A 110 -8.16 3.51 -1.12
CA LYS A 110 -9.59 3.51 -0.95
C LYS A 110 -10.07 3.78 0.48
N VAL A 111 -11.28 4.34 0.59
CA VAL A 111 -11.97 4.55 1.87
C VAL A 111 -13.10 3.52 1.95
N PHE A 112 -13.16 2.80 3.07
CA PHE A 112 -14.21 1.80 3.34
C PHE A 112 -15.06 2.38 4.47
N MSE A 113 -16.36 2.54 4.23
CA MSE A 113 -17.28 3.23 5.13
C MSE A 113 -18.59 2.50 5.25
O MSE A 113 -19.06 1.92 4.27
CB MSE A 113 -17.54 4.64 4.60
CG MSE A 113 -18.11 4.68 3.17
SE MSE A 113 -18.29 6.41 2.43
CE MSE A 113 -16.44 7.05 2.61
N ASN A 114 -19.21 2.54 6.44
CA ASN A 114 -20.53 1.94 6.62
C ASN A 114 -21.60 2.92 6.07
N GLN A 115 -22.89 2.60 6.29
CA GLN A 115 -23.99 3.46 5.84
C GLN A 115 -24.03 4.81 6.57
N LYS A 116 -23.94 4.77 7.90
CA LYS A 116 -23.91 6.01 8.72
C LYS A 116 -22.79 6.96 8.24
N ALA A 117 -21.60 6.41 7.95
CA ALA A 117 -20.49 7.23 7.44
C ALA A 117 -20.80 7.77 6.03
N LYS A 118 -21.31 6.96 5.11
CA LYS A 118 -21.70 7.42 3.75
C LYS A 118 -22.54 8.70 3.91
N GLU A 119 -23.58 8.63 4.75
CA GLU A 119 -24.47 9.75 5.06
C GLU A 119 -23.75 10.98 5.67
N ILE A 120 -22.76 10.76 6.54
CA ILE A 120 -21.92 11.86 7.06
C ILE A 120 -21.19 12.56 5.92
N PHE A 121 -20.59 11.78 5.00
CA PHE A 121 -19.83 12.32 3.87
C PHE A 121 -20.69 13.02 2.82
N GLU A 122 -21.84 12.45 2.48
CA GLU A 122 -22.79 13.08 1.55
C GLU A 122 -23.17 14.49 2.05
N THR A 123 -23.43 14.60 3.37
CA THR A 123 -23.78 15.86 4.03
C THR A 123 -22.61 16.86 4.00
N MSE A 124 -21.40 16.38 4.24
CA MSE A 124 -20.18 17.22 4.16
C MSE A 124 -19.99 17.85 2.77
O MSE A 124 -19.60 19.02 2.67
CB MSE A 124 -18.93 16.41 4.50
CG MSE A 124 -18.80 15.95 5.92
SE MSE A 124 -17.11 14.98 6.03
CE MSE A 124 -16.97 14.88 7.90
N ASN A 125 -20.26 17.07 1.72
CA ASN A 125 -20.22 17.58 0.32
C ASN A 125 -21.33 18.61 0.07
N GLN A 126 -22.54 18.34 0.60
CA GLN A 126 -23.66 19.31 0.53
C GLN A 126 -23.27 20.62 1.24
N LEU A 127 -22.51 20.53 2.33
CA LEU A 127 -22.03 21.70 3.08
C LEU A 127 -20.65 22.22 2.56
N LYS A 128 -20.30 21.94 1.30
CA LYS A 128 -19.04 22.41 0.70
C LYS A 128 -19.15 23.91 0.47
N GLY A 129 -18.18 24.66 0.98
CA GLY A 129 -18.16 26.13 0.94
C GLY A 129 -18.34 26.77 2.30
N THR A 130 -19.04 26.09 3.22
CA THR A 130 -19.23 26.58 4.59
C THR A 130 -17.95 26.35 5.42
N ASN A 131 -17.86 27.00 6.58
CA ASN A 131 -16.70 26.86 7.47
C ASN A 131 -16.68 25.39 7.93
N SER A 132 -15.85 24.60 7.23
CA SER A 132 -15.81 23.14 7.36
C SER A 132 -14.89 22.57 8.44
N CYS A 133 -13.66 23.10 8.54
CA CYS A 133 -12.62 22.64 9.49
C CYS A 133 -12.08 21.22 9.18
N ILE A 134 -12.93 20.20 9.40
CA ILE A 134 -12.63 18.79 9.11
C ILE A 134 -13.33 18.29 7.83
N ASN A 135 -14.53 18.79 7.51
CA ASN A 135 -15.25 18.37 6.29
C ASN A 135 -14.43 18.50 5.01
N LYS A 136 -13.69 19.61 4.88
CA LYS A 136 -12.81 19.87 3.71
C LYS A 136 -11.67 18.86 3.54
N GLN A 137 -11.26 18.21 4.63
CA GLN A 137 -10.25 17.15 4.61
C GLN A 137 -10.77 15.81 4.04
N HIS A 138 -12.10 15.63 3.97
CA HIS A 138 -12.76 14.40 3.47
C HIS A 138 -13.51 14.53 2.14
N ILE A 139 -13.91 15.74 1.74
CA ILE A 139 -14.68 15.98 0.48
C ILE A 139 -13.91 15.52 -0.77
N GLN A 140 -14.59 14.81 -1.67
CA GLN A 140 -13.98 14.34 -2.93
C GLN A 140 -15.03 14.24 -4.05
N GLU A 141 -14.88 15.09 -5.07
CA GLU A 141 -15.74 15.07 -6.25
C GLU A 141 -15.48 13.84 -7.14
N LYS A 142 -14.29 13.24 -7.03
CA LYS A 142 -13.85 12.08 -7.83
C LYS A 142 -14.75 10.83 -7.78
N ILE A 143 -15.15 10.44 -6.56
CA ILE A 143 -16.00 9.26 -6.32
C ILE A 143 -17.41 9.58 -5.78
N THR A 144 -18.28 8.57 -5.82
CA THR A 144 -19.63 8.59 -5.23
C THR A 144 -19.46 7.80 -3.94
N TYR A 145 -20.02 8.29 -2.84
CA TYR A 145 -19.91 7.60 -1.55
C TYR A 145 -20.91 6.45 -1.53
N GLU A 146 -20.56 5.39 -0.81
CA GLU A 146 -21.41 4.19 -0.71
C GLU A 146 -21.01 3.31 0.47
N ASN A 147 -21.99 2.57 1.02
CA ASN A 147 -21.76 1.59 2.09
C ASN A 147 -20.96 0.42 1.49
N ASN A 148 -19.64 0.56 1.52
CA ASN A 148 -18.70 -0.43 0.98
C ASN A 148 -17.77 -1.06 2.06
N ILE A 149 -18.13 -0.95 3.34
CA ILE A 149 -17.32 -1.53 4.44
C ILE A 149 -17.15 -3.05 4.31
N GLU A 150 -18.16 -3.73 3.73
CA GLU A 150 -18.08 -5.18 3.49
C GLU A 150 -17.04 -5.60 2.43
N GLU A 151 -16.58 -4.63 1.63
CA GLU A 151 -15.49 -4.85 0.67
C GLU A 151 -14.13 -4.87 1.38
N TYR A 152 -14.06 -4.45 2.65
CA TYR A 152 -12.84 -4.57 3.42
C TYR A 152 -12.63 -6.06 3.78
N LYS A 153 -11.38 -6.51 3.64
CA LYS A 153 -10.96 -7.86 3.99
C LYS A 153 -9.46 -7.90 4.24
N SER A 154 -8.66 -7.67 3.20
CA SER A 154 -7.21 -7.79 3.30
C SER A 154 -6.39 -6.53 3.02
N GLN A 155 -7.07 -5.39 2.84
CA GLN A 155 -6.40 -4.13 2.48
C GLN A 155 -5.61 -3.65 3.69
N ASP A 156 -4.52 -2.95 3.40
CA ASP A 156 -3.64 -2.42 4.43
C ASP A 156 -4.24 -1.08 4.84
N ILE A 157 -4.53 -0.93 6.14
CA ILE A 157 -5.22 0.21 6.70
C ILE A 157 -4.31 1.03 7.62
N HIS A 158 -4.32 2.35 7.44
CA HIS A 158 -3.54 3.29 8.22
C HIS A 158 -4.34 4.30 9.04
N LYS A 159 -5.66 4.40 8.81
CA LYS A 159 -6.50 5.40 9.46
C LYS A 159 -7.91 4.86 9.72
N ILE A 160 -8.46 5.20 10.89
CA ILE A 160 -9.83 4.87 11.27
C ILE A 160 -10.51 6.18 11.66
N CYS A 161 -11.63 6.49 11.01
CA CYS A 161 -12.42 7.66 11.36
C CYS A 161 -13.65 7.16 12.09
N LEU A 162 -13.88 7.69 13.30
CA LEU A 162 -14.95 7.24 14.18
C LEU A 162 -15.79 8.41 14.65
N TRP A 163 -17.11 8.29 14.51
CA TRP A 163 -18.09 9.21 15.07
C TRP A 163 -18.86 8.42 16.13
N SER A 164 -18.52 8.61 17.40
CA SER A 164 -19.15 7.91 18.51
C SER A 164 -18.98 8.55 19.87
N ASN A 165 -19.70 8.03 20.87
CA ASN A 165 -19.53 8.45 22.29
C ASN A 165 -18.16 7.98 22.79
N GLU A 166 -17.67 8.48 23.94
CA GLU A 166 -16.35 8.00 24.40
C GLU A 166 -16.31 6.54 24.86
N LYS A 167 -17.47 5.93 25.16
CA LYS A 167 -17.55 4.51 25.54
C LYS A 167 -17.09 3.66 24.35
N VAL A 168 -17.66 3.92 23.16
CA VAL A 168 -17.27 3.22 21.93
C VAL A 168 -15.80 3.50 21.56
N PHE A 169 -15.32 4.72 21.80
CA PHE A 169 -13.90 5.09 21.57
C PHE A 169 -12.96 4.37 22.54
N ASP A 170 -13.34 4.29 23.82
CA ASP A 170 -12.58 3.53 24.83
C ASP A 170 -12.44 2.04 24.46
N GLU A 171 -13.50 1.49 23.84
CA GLU A 171 -13.49 0.10 23.37
C GLU A 171 -12.51 -0.08 22.20
N VAL A 172 -12.43 0.90 21.29
CA VAL A 172 -11.45 0.90 20.18
C VAL A 172 -10.04 1.05 20.78
N LYS A 173 -9.89 1.94 21.76
CA LYS A 173 -8.61 2.15 22.44
C LYS A 173 -8.13 0.90 23.19
N ASP A 174 -9.06 0.12 23.76
CA ASP A 174 -8.74 -1.17 24.40
C ASP A 174 -8.16 -2.19 23.42
N ILE A 175 -8.62 -2.18 22.17
CA ILE A 175 -8.12 -3.06 21.10
C ILE A 175 -6.77 -2.59 20.56
N LEU A 176 -6.67 -1.31 20.20
CA LEU A 176 -5.44 -0.77 19.58
C LEU A 176 -4.36 -0.40 20.59
N GLN A 177 -4.72 0.00 21.82
CA GLN A 177 -3.73 0.31 22.88
C GLN A 177 -2.69 1.34 22.41
N ASP A 178 -1.38 1.13 22.61
CA ASP A 178 -0.35 2.08 22.20
C ASP A 178 0.08 1.92 20.74
N LYS A 179 -0.72 1.21 19.93
CA LYS A 179 -0.49 1.13 18.48
C LYS A 179 -1.15 2.30 17.76
N MSE A 180 -2.04 3.03 18.46
CA MSE A 180 -2.76 4.19 17.94
C MSE A 180 -2.50 5.51 18.64
O MSE A 180 -1.97 5.57 19.75
CB MSE A 180 -4.28 3.94 18.01
CG MSE A 180 -4.86 3.77 19.43
SE MSE A 180 -6.75 4.22 19.48
CE MSE A 180 -6.62 6.11 19.15
N GLU A 181 -2.89 6.57 17.94
CA GLU A 181 -2.99 7.91 18.49
C GLU A 181 -4.03 8.66 17.70
N LEU A 182 -4.45 9.78 18.24
CA LEU A 182 -5.43 10.62 17.58
C LEU A 182 -4.64 11.61 16.75
N ALA A 183 -4.92 11.63 15.46
CA ALA A 183 -4.34 12.63 14.57
C ALA A 183 -5.06 13.96 14.83
N GLN A 184 -6.34 13.84 15.14
CA GLN A 184 -7.26 14.96 15.22
C GLN A 184 -8.51 14.47 15.95
N ARG A 185 -9.26 15.42 16.52
CA ARG A 185 -10.49 15.13 17.22
C ARG A 185 -11.41 16.34 17.22
N ASP A 186 -12.67 16.17 16.80
CA ASP A 186 -13.66 17.25 16.86
C ASP A 186 -14.70 16.83 17.90
N ILE A 187 -14.55 17.34 19.13
CA ILE A 187 -15.40 16.92 20.25
C ILE A 187 -16.88 17.14 19.98
N SER A 188 -17.23 18.34 19.47
CA SER A 188 -18.64 18.71 19.20
C SER A 188 -19.39 17.75 18.27
N SER A 189 -18.70 17.19 17.27
CA SER A 189 -19.29 16.20 16.35
C SER A 189 -18.94 14.72 16.70
N GLN A 190 -18.32 14.51 17.87
CA GLN A 190 -17.88 13.20 18.37
C GLN A 190 -16.92 12.44 17.44
N TYR A 191 -16.11 13.21 16.73
CA TYR A 191 -15.23 12.69 15.70
C TYR A 191 -13.85 12.41 16.26
N TYR A 192 -13.36 11.21 15.94
CA TYR A 192 -12.01 10.78 16.28
C TYR A 192 -11.34 10.30 14.99
N GLU A 193 -10.18 10.87 14.68
CA GLU A 193 -9.37 10.45 13.53
C GLU A 193 -8.22 9.67 14.14
N ILE A 194 -8.28 8.34 13.98
CA ILE A 194 -7.33 7.41 14.60
C ILE A 194 -6.28 6.98 13.55
N ILE A 195 -5.02 7.23 13.88
CA ILE A 195 -3.84 6.88 13.10
C ILE A 195 -2.91 6.04 13.98
N GLN A 196 -1.84 5.55 13.38
CA GLN A 196 -0.84 4.74 14.08
C GLN A 196 0.08 5.62 14.93
N LYS A 197 0.41 5.12 16.11
CA LYS A 197 1.31 5.80 17.06
C LYS A 197 2.65 6.10 16.40
N ASP A 198 3.05 7.37 16.43
CA ASP A 198 4.29 7.89 15.82
C ASP A 198 4.29 7.99 14.30
N PHE A 199 3.12 7.98 13.67
CA PHE A 199 2.98 8.21 12.24
C PHE A 199 2.07 9.41 11.93
N HIS A 200 2.18 10.44 12.78
CA HIS A 200 1.51 11.73 12.55
C HIS A 200 2.39 12.55 11.59
N LYS A 201 1.88 13.71 11.15
CA LYS A 201 2.54 14.57 10.16
C LYS A 201 3.96 14.99 10.51
N GLY A 202 4.21 15.34 11.77
CA GLY A 202 5.54 15.77 12.25
C GLY A 202 6.60 14.68 12.22
N LYS A 203 6.21 13.48 12.69
CA LYS A 203 7.09 12.31 12.68
C LYS A 203 7.42 11.95 11.23
N ALA A 204 6.43 12.04 10.34
CA ALA A 204 6.64 11.83 8.90
C ALA A 204 7.61 12.89 8.37
N ILE A 205 7.37 14.16 8.69
CA ILE A 205 8.29 15.25 8.25
C ILE A 205 9.72 14.93 8.72
N LYS A 206 9.87 14.49 9.98
CA LYS A 206 11.21 14.14 10.53
C LYS A 206 11.90 12.98 9.82
N ARG A 207 11.12 11.99 9.36
CA ARG A 207 11.68 10.85 8.59
C ARG A 207 12.24 11.34 7.27
N LEU A 208 11.49 12.20 6.57
CA LEU A 208 11.91 12.78 5.29
C LEU A 208 13.13 13.68 5.44
N GLN A 209 13.09 14.58 6.43
CA GLN A 209 14.23 15.44 6.77
C GLN A 209 15.52 14.62 6.89
N GLU A 210 15.42 13.54 7.67
CA GLU A 210 16.51 12.55 7.90
C GLU A 210 17.06 12.00 6.57
N ARG A 211 16.14 11.57 5.69
CA ARG A 211 16.48 11.00 4.39
C ARG A 211 17.07 12.02 3.43
N LEU A 212 16.49 13.23 3.40
CA LEU A 212 16.99 14.30 2.53
C LEU A 212 18.27 14.98 3.06
N GLY A 213 18.55 14.82 4.35
CA GLY A 213 19.69 15.50 4.99
C GLY A 213 19.40 16.97 5.19
N VAL A 214 18.11 17.28 5.41
CA VAL A 214 17.59 18.63 5.63
C VAL A 214 17.35 18.74 7.13
N THR A 215 17.56 19.94 7.68
CA THR A 215 17.40 20.19 9.11
C THR A 215 16.05 20.81 9.38
N GLN A 216 15.68 20.87 10.66
CA GLN A 216 14.43 21.51 11.10
C GLN A 216 14.49 23.01 10.76
N LYS A 217 15.65 23.64 11.01
CA LYS A 217 15.90 25.05 10.68
C LYS A 217 15.74 25.39 9.17
N GLU A 218 16.05 24.42 8.30
CA GLU A 218 15.92 24.54 6.84
C GLU A 218 14.50 24.18 6.31
N THR A 219 13.54 24.00 7.22
CA THR A 219 12.18 23.59 6.90
C THR A 219 11.17 24.67 7.26
N ILE A 220 10.26 24.95 6.32
CA ILE A 220 9.18 25.92 6.51
C ILE A 220 7.88 25.15 6.18
N CYS A 221 6.86 25.32 7.04
CA CYS A 221 5.57 24.65 6.81
CA CYS A 221 5.57 24.64 6.88
C CYS A 221 4.40 25.61 6.80
N PHE A 222 3.36 25.22 6.06
CA PHE A 222 2.12 25.95 5.92
C PHE A 222 1.05 24.93 6.33
N GLY A 223 0.26 25.29 7.33
CA GLY A 223 -0.78 24.41 7.86
C GLY A 223 -2.04 25.17 8.25
N ASP A 224 -3.06 24.42 8.62
CA ASP A 224 -4.40 24.94 8.91
C ASP A 224 -5.18 24.20 10.00
N GLY A 225 -5.13 22.87 10.00
CA GLY A 225 -5.89 22.05 10.94
C GLY A 225 -5.20 21.63 12.22
N GLN A 226 -6.01 21.02 13.09
CA GLN A 226 -5.53 20.44 14.33
C GLN A 226 -4.47 19.37 14.01
N ASN A 227 -4.64 18.67 12.88
CA ASN A 227 -3.62 17.68 12.43
C ASN A 227 -2.25 18.25 12.04
N ASP A 228 -2.15 19.57 11.88
CA ASP A 228 -0.92 20.27 11.54
C ASP A 228 -0.17 20.84 12.73
N ILE A 229 -0.71 20.66 13.93
CA ILE A 229 -0.03 21.16 15.13
C ILE A 229 1.34 20.48 15.24
N VAL A 230 1.34 19.15 15.04
CA VAL A 230 2.55 18.33 15.00
C VAL A 230 3.50 18.70 13.86
N MSE A 231 2.94 19.08 12.70
CA MSE A 231 3.73 19.53 11.52
C MSE A 231 4.62 20.70 11.93
O MSE A 231 5.83 20.73 11.62
CB MSE A 231 2.77 19.96 10.41
CG MSE A 231 3.37 20.53 9.14
SE MSE A 231 2.07 21.64 8.28
CE MSE A 231 1.19 20.15 7.42
N PHE A 232 4.00 21.65 12.63
CA PHE A 232 4.65 22.83 13.16
C PHE A 232 5.82 22.53 14.12
N GLN A 233 5.68 21.44 14.89
CA GLN A 233 6.70 21.00 15.85
C GLN A 233 7.96 20.40 15.21
N ALA A 234 7.88 20.00 13.93
CA ALA A 234 9.02 19.47 13.14
C ALA A 234 9.63 20.52 12.20
N SER A 235 9.23 21.78 12.35
CA SER A 235 9.64 22.88 11.48
C SER A 235 10.12 24.11 12.25
N ASP A 236 10.89 24.95 11.55
CA ASP A 236 11.44 26.20 12.09
C ASP A 236 10.40 27.32 12.03
N VAL A 237 9.85 27.52 10.83
CA VAL A 237 8.83 28.52 10.54
C VAL A 237 7.53 27.78 10.22
N THR A 238 6.49 28.11 10.98
CA THR A 238 5.18 27.49 10.87
C THR A 238 4.19 28.61 10.54
N ILE A 239 3.48 28.47 9.41
CA ILE A 239 2.54 29.48 8.93
C ILE A 239 1.10 28.96 8.93
N ALA A 240 0.20 29.73 9.54
CA ALA A 240 -1.24 29.45 9.55
C ALA A 240 -1.98 30.62 8.86
N MSE A 241 -3.32 30.53 8.83
CA MSE A 241 -4.18 31.57 8.25
C MSE A 241 -5.23 31.98 9.27
O MSE A 241 -5.37 31.32 10.31
CB MSE A 241 -4.84 31.06 6.97
CG MSE A 241 -3.85 30.86 5.84
SE MSE A 241 -4.69 30.07 4.27
CE MSE A 241 -3.13 30.24 3.01
N LYS A 242 -5.93 33.09 8.97
CA LYS A 242 -6.93 33.67 9.87
C LYS A 242 -8.00 32.69 10.36
N ASN A 243 -8.47 31.83 9.45
CA ASN A 243 -9.53 30.84 9.76
C ASN A 243 -8.98 29.44 10.17
N SER A 244 -7.68 29.35 10.46
CA SER A 244 -7.05 28.11 10.91
C SER A 244 -7.51 27.71 12.31
N HIS A 245 -7.26 26.45 12.66
CA HIS A 245 -7.59 25.91 13.96
C HIS A 245 -6.85 26.78 14.98
N GLN A 246 -7.58 27.31 15.96
CA GLN A 246 -7.01 28.25 16.93
C GLN A 246 -5.74 27.73 17.61
N GLN A 247 -5.76 26.45 18.02
CA GLN A 247 -4.59 25.81 18.67
C GLN A 247 -3.35 25.81 17.75
N LEU A 248 -3.56 25.75 16.42
CA LEU A 248 -2.47 25.86 15.45
C LEU A 248 -2.03 27.32 15.38
N LYS A 249 -3.01 28.24 15.32
CA LYS A 249 -2.72 29.68 15.31
C LYS A 249 -1.96 30.13 16.56
N ASP A 250 -2.25 29.50 17.71
CA ASP A 250 -1.58 29.78 19.00
C ASP A 250 -0.07 29.52 18.96
N ILE A 251 0.35 28.50 18.22
CA ILE A 251 1.78 28.14 18.09
C ILE A 251 2.45 28.63 16.80
N ALA A 252 1.66 29.11 15.83
CA ALA A 252 2.17 29.56 14.54
C ALA A 252 3.17 30.73 14.63
N THR A 253 4.18 30.72 13.77
CA THR A 253 5.17 31.81 13.67
C THR A 253 4.45 33.07 13.17
N SER A 254 3.65 32.89 12.11
CA SER A 254 2.86 33.96 11.50
C SER A 254 1.55 33.47 10.88
N ILE A 255 0.65 34.42 10.66
CA ILE A 255 -0.61 34.20 10.01
C ILE A 255 -0.44 34.86 8.65
N CYS A 256 -0.57 34.08 7.58
CA CYS A 256 -0.49 34.60 6.23
C CYS A 256 -1.91 34.87 5.76
N GLU A 257 -2.04 35.48 4.57
CA GLU A 257 -3.33 35.81 4.00
C GLU A 257 -4.07 34.57 3.58
N ASP A 258 -5.36 34.76 3.31
CA ASP A 258 -6.20 33.67 2.82
C ASP A 258 -5.66 33.13 1.50
N ILE A 259 -6.10 31.91 1.18
CA ILE A 259 -5.70 31.15 -0.02
C ILE A 259 -5.69 32.01 -1.29
N PHE A 260 -6.86 32.56 -1.62
CA PHE A 260 -7.01 33.42 -2.83
C PHE A 260 -6.60 34.88 -2.64
N ASP A 261 -6.13 35.22 -1.44
CA ASP A 261 -5.43 36.47 -1.17
C ASP A 261 -3.90 36.23 -1.34
N ASN A 262 -3.50 35.11 -1.95
CA ASN A 262 -2.09 34.75 -2.23
C ASN A 262 -1.17 34.61 -0.99
N GLY A 263 -1.73 34.08 0.09
CA GLY A 263 -1.03 33.91 1.37
C GLY A 263 0.30 33.21 1.30
N ILE A 264 0.32 32.07 0.61
CA ILE A 264 1.53 31.25 0.47
C ILE A 264 2.60 32.02 -0.32
N TYR A 265 2.23 32.53 -1.49
CA TYR A 265 3.16 33.32 -2.31
C TYR A 265 3.69 34.55 -1.54
N LYS A 266 2.76 35.34 -0.99
CA LYS A 266 3.10 36.56 -0.25
C LYS A 266 4.00 36.29 0.96
N GLU A 267 3.69 35.25 1.74
CA GLU A 267 4.50 34.87 2.90
C GLU A 267 5.90 34.44 2.46
N LEU A 268 5.97 33.61 1.42
CA LEU A 268 7.26 33.15 0.88
C LEU A 268 8.07 34.32 0.31
N LYS A 269 7.39 35.27 -0.37
CA LYS A 269 8.04 36.45 -0.95
CA LYS A 269 8.04 36.46 -0.93
C LYS A 269 8.56 37.34 0.21
N ARG A 270 7.72 37.55 1.23
CA ARG A 270 8.12 38.33 2.44
C ARG A 270 9.35 37.75 3.13
N ARG A 271 9.42 36.43 3.22
CA ARG A 271 10.57 35.75 3.85
C ARG A 271 11.80 35.59 2.95
N ASN A 272 11.70 36.04 1.69
CA ASN A 272 12.78 35.95 0.71
C ASN A 272 13.15 34.50 0.34
N ILE A 273 12.16 33.60 0.41
CA ILE A 273 12.33 32.20 0.01
C ILE A 273 12.13 32.14 -1.50
N ILE A 274 11.25 33.00 -2.04
CA ILE A 274 11.01 33.15 -3.47
C ILE A 274 11.15 34.62 -3.89
N MSE B 2 19.95 -33.72 11.73
CA MSE B 2 18.69 -33.49 12.54
C MSE B 2 17.85 -32.42 11.86
O MSE B 2 18.38 -31.47 11.29
CB MSE B 2 19.02 -33.03 13.97
CG MSE B 2 19.71 -34.06 14.83
SE MSE B 2 18.69 -35.64 15.28
CE MSE B 2 17.12 -34.82 16.19
N LYS B 3 16.52 -32.60 11.95
CA LYS B 3 15.57 -31.69 11.30
C LYS B 3 14.34 -31.41 12.17
N LEU B 4 14.11 -30.13 12.45
CA LEU B 4 12.92 -29.64 13.14
C LEU B 4 12.55 -28.37 12.37
N TYR B 5 11.50 -28.47 11.55
CA TYR B 5 11.04 -27.38 10.69
C TYR B 5 10.22 -26.34 11.41
N LYS B 6 10.58 -25.09 11.21
CA LYS B 6 9.90 -23.95 11.82
C LYS B 6 9.14 -23.10 10.81
N LEU B 7 9.34 -23.33 9.51
CA LEU B 7 8.65 -22.57 8.48
C LEU B 7 8.23 -23.43 7.25
N LEU B 8 6.93 -23.57 7.06
CA LEU B 8 6.40 -24.19 5.85
C LEU B 8 6.00 -23.03 4.94
N ILE B 9 6.55 -23.02 3.73
CA ILE B 9 6.24 -22.05 2.69
C ILE B 9 5.42 -22.76 1.62
N LEU B 10 4.25 -22.22 1.33
CA LEU B 10 3.37 -22.81 0.36
C LEU B 10 3.02 -21.81 -0.69
N ASP B 11 3.11 -22.27 -1.93
CA ASP B 11 2.60 -21.55 -3.07
C ASP B 11 1.10 -21.83 -3.10
N ILE B 12 0.34 -20.97 -3.76
CA ILE B 12 -1.10 -21.15 -3.83
C ILE B 12 -1.49 -21.98 -5.05
N ASP B 13 -1.40 -21.37 -6.21
CA ASP B 13 -1.97 -21.91 -7.45
C ASP B 13 -1.19 -23.09 -7.99
N GLY B 14 -1.83 -24.26 -7.99
CA GLY B 14 -1.21 -25.53 -8.42
C GLY B 14 -0.36 -26.21 -7.36
N THR B 15 -0.36 -25.71 -6.13
CA THR B 15 0.40 -26.29 -5.02
C THR B 15 -0.58 -26.54 -3.89
N LEU B 16 -0.98 -25.47 -3.20
CA LEU B 16 -1.95 -25.58 -2.14
C LEU B 16 -3.35 -25.75 -2.73
N ARG B 17 -3.61 -24.98 -3.79
CA ARG B 17 -4.92 -24.82 -4.34
C ARG B 17 -5.01 -25.16 -5.81
N ASP B 18 -5.86 -26.12 -6.15
CA ASP B 18 -6.17 -26.44 -7.55
C ASP B 18 -6.99 -25.27 -8.05
N GLU B 19 -6.66 -24.77 -9.24
CA GLU B 19 -7.35 -23.64 -9.88
CA GLU B 19 -7.37 -23.61 -9.80
C GLU B 19 -8.85 -23.87 -10.08
N VAL B 20 -9.23 -25.13 -10.29
CA VAL B 20 -10.64 -25.52 -10.53
C VAL B 20 -11.31 -26.06 -9.27
N TYR B 21 -10.65 -26.97 -8.56
CA TYR B 21 -11.26 -27.65 -7.39
C TYR B 21 -10.88 -27.09 -6.00
N GLY B 22 -10.12 -26.02 -5.94
CA GLY B 22 -9.75 -25.42 -4.67
C GLY B 22 -8.77 -26.23 -3.84
N ILE B 23 -8.84 -26.05 -2.53
CA ILE B 23 -7.92 -26.63 -1.56
C ILE B 23 -8.50 -27.94 -1.00
N PRO B 24 -7.72 -29.06 -1.02
CA PRO B 24 -8.20 -30.31 -0.43
C PRO B 24 -8.19 -30.22 1.10
N GLU B 25 -9.08 -30.95 1.76
CA GLU B 25 -9.14 -30.97 3.23
C GLU B 25 -7.85 -31.42 3.89
N SER B 26 -7.15 -32.36 3.26
CA SER B 26 -5.88 -32.88 3.74
C SER B 26 -4.82 -31.78 3.92
N ALA B 27 -4.79 -30.81 3.01
CA ALA B 27 -3.86 -29.67 3.06
C ALA B 27 -4.23 -28.74 4.23
N LYS B 28 -5.52 -28.46 4.38
CA LYS B 28 -6.04 -27.65 5.50
C LYS B 28 -5.67 -28.31 6.84
N HIS B 29 -5.84 -29.62 6.89
CA HIS B 29 -5.48 -30.45 8.04
C HIS B 29 -3.97 -30.42 8.29
N ALA B 30 -3.18 -30.59 7.23
CA ALA B 30 -1.71 -30.54 7.30
C ALA B 30 -1.23 -29.23 7.90
N ILE B 31 -1.80 -28.12 7.42
CA ILE B 31 -1.52 -26.77 7.91
C ILE B 31 -1.82 -26.68 9.41
N ARG B 32 -3.04 -27.06 9.80
CA ARG B 32 -3.45 -27.11 11.21
C ARG B 32 -2.48 -27.94 12.04
N LEU B 33 -2.07 -29.12 11.55
CA LEU B 33 -1.08 -29.98 12.22
C LEU B 33 0.31 -29.32 12.32
N CYS B 34 0.78 -28.68 11.24
CA CYS B 34 2.07 -27.96 11.25
C CYS B 34 2.16 -26.89 12.34
N GLN B 35 1.10 -26.10 12.41
CA GLN B 35 0.97 -25.01 13.38
C GLN B 35 0.99 -25.57 14.80
N LYS B 36 0.27 -26.68 15.02
CA LYS B 36 0.29 -27.39 16.32
C LYS B 36 1.72 -27.83 16.68
N ASN B 37 2.52 -28.22 15.69
CA ASN B 37 3.93 -28.62 15.89
C ASN B 37 4.94 -27.48 15.83
N HIS B 38 4.49 -26.24 16.06
CA HIS B 38 5.35 -25.04 16.09
C HIS B 38 6.07 -24.70 14.78
N CYS B 39 5.48 -25.13 13.66
CA CYS B 39 5.98 -24.85 12.32
C CYS B 39 5.04 -23.81 11.72
N SER B 40 5.53 -22.59 11.48
CA SER B 40 4.71 -21.51 10.88
C SER B 40 4.35 -21.86 9.45
N VAL B 41 3.15 -21.52 9.02
CA VAL B 41 2.74 -21.78 7.63
C VAL B 41 2.53 -20.42 7.00
N VAL B 42 3.27 -20.18 5.91
CA VAL B 42 3.24 -18.89 5.23
C VAL B 42 2.97 -19.10 3.77
N ILE B 43 1.96 -18.39 3.27
CA ILE B 43 1.63 -18.38 1.85
C ILE B 43 2.71 -17.58 1.13
N CYS B 44 3.11 -18.05 -0.05
CA CYS B 44 4.18 -17.42 -0.84
C CYS B 44 3.72 -17.43 -2.29
N THR B 45 3.08 -16.32 -2.69
CA THR B 45 2.36 -16.20 -3.98
C THR B 45 2.68 -14.96 -4.81
N GLY B 46 2.53 -15.11 -6.12
CA GLY B 46 2.64 -14.03 -7.11
C GLY B 46 1.40 -13.14 -7.01
N ARG B 47 0.30 -13.70 -6.47
CA ARG B 47 -0.93 -12.94 -6.23
C ARG B 47 -0.70 -11.87 -5.18
N SER B 48 -1.46 -10.78 -5.29
CA SER B 48 -1.43 -9.73 -4.31
C SER B 48 -2.46 -10.09 -3.25
N MSE B 49 -2.38 -9.45 -2.09
CA MSE B 49 -3.41 -9.64 -1.04
C MSE B 49 -4.83 -9.45 -1.61
O MSE B 49 -5.74 -10.18 -1.24
CB MSE B 49 -3.17 -8.72 0.14
CG MSE B 49 -1.92 -9.01 0.92
SE MSE B 49 -1.74 -10.83 1.60
CE MSE B 49 -3.32 -10.82 2.65
N GLY B 50 -4.97 -8.51 -2.55
CA GLY B 50 -6.23 -8.27 -3.23
C GLY B 50 -6.74 -9.37 -4.15
N THR B 51 -5.85 -10.24 -4.65
CA THR B 51 -6.26 -11.35 -5.55
C THR B 51 -6.19 -12.73 -4.92
N ILE B 52 -5.59 -12.86 -3.73
CA ILE B 52 -5.58 -14.12 -2.95
C ILE B 52 -7.02 -14.53 -2.72
N GLN B 53 -7.30 -15.80 -2.96
CA GLN B 53 -8.67 -16.33 -2.93
C GLN B 53 -9.16 -16.42 -1.50
N ASP B 54 -10.48 -16.34 -1.31
CA ASP B 54 -11.11 -16.38 0.04
C ASP B 54 -10.80 -17.66 0.81
N ASP B 55 -10.83 -18.79 0.11
CA ASP B 55 -10.53 -20.09 0.75
C ASP B 55 -9.12 -20.14 1.35
N VAL B 56 -8.15 -19.50 0.69
CA VAL B 56 -6.80 -19.38 1.21
C VAL B 56 -6.79 -18.47 2.46
N LEU B 57 -7.51 -17.35 2.39
CA LEU B 57 -7.60 -16.42 3.52
C LEU B 57 -8.29 -17.02 4.74
N SER B 58 -9.19 -17.99 4.52
CA SER B 58 -9.90 -18.69 5.59
C SER B 58 -9.08 -19.75 6.35
N LEU B 59 -7.90 -20.11 5.83
CA LEU B 59 -7.07 -21.15 6.45
C LEU B 59 -6.46 -20.78 7.80
N GLY B 60 -6.31 -19.49 8.08
CA GLY B 60 -5.66 -19.05 9.30
C GLY B 60 -4.17 -19.32 9.27
N VAL B 61 -3.53 -19.10 8.12
CA VAL B 61 -2.07 -19.28 8.01
C VAL B 61 -1.38 -18.20 8.85
N ASP B 62 -0.11 -18.41 9.16
CA ASP B 62 0.65 -17.46 10.02
C ASP B 62 1.08 -16.17 9.33
N GLY B 63 1.29 -16.23 8.03
CA GLY B 63 1.69 -15.05 7.27
C GLY B 63 1.46 -15.20 5.80
N TYR B 64 1.70 -14.12 5.08
CA TYR B 64 1.59 -14.05 3.64
C TYR B 64 2.79 -13.33 3.03
N ILE B 65 3.45 -13.97 2.07
CA ILE B 65 4.44 -13.34 1.19
C ILE B 65 3.58 -13.20 -0.09
N ALA B 66 3.30 -11.97 -0.50
CA ALA B 66 2.44 -11.69 -1.63
C ALA B 66 3.17 -10.85 -2.66
N GLY B 67 2.49 -10.68 -3.79
CA GLY B 67 2.98 -9.91 -4.93
C GLY B 67 4.22 -10.45 -5.59
N GLY B 68 4.47 -11.75 -5.42
CA GLY B 68 5.68 -12.38 -5.88
C GLY B 68 6.90 -12.12 -5.04
N GLY B 69 6.73 -11.56 -3.86
CA GLY B 69 7.84 -11.22 -2.94
C GLY B 69 8.01 -9.78 -2.51
N ASN B 70 7.15 -8.89 -3.01
CA ASN B 70 7.24 -7.48 -2.59
C ASN B 70 6.63 -7.16 -1.21
N TYR B 71 5.65 -7.98 -0.80
CA TYR B 71 4.83 -7.77 0.39
C TYR B 71 5.00 -8.97 1.34
N ILE B 72 5.27 -8.68 2.62
CA ILE B 72 5.44 -9.71 3.65
C ILE B 72 4.64 -9.27 4.88
N GLN B 73 3.65 -10.09 5.22
CA GLN B 73 2.84 -9.92 6.40
C GLN B 73 2.99 -11.19 7.26
N TYR B 74 3.09 -11.02 8.56
CA TYR B 74 3.20 -12.14 9.51
C TYR B 74 2.46 -11.83 10.81
N HIS B 75 1.52 -12.71 11.17
CA HIS B 75 0.67 -12.56 12.35
C HIS B 75 -0.02 -11.20 12.31
N GLY B 76 -0.50 -10.85 11.10
CA GLY B 76 -1.18 -9.59 10.82
C GLY B 76 -0.31 -8.36 10.62
N GLU B 77 0.96 -8.43 11.00
CA GLU B 77 1.86 -7.31 11.00
C GLU B 77 2.51 -7.20 9.63
N LEU B 78 2.36 -6.05 8.98
CA LEU B 78 2.99 -5.80 7.69
C LEU B 78 4.45 -5.50 7.98
N LEU B 79 5.34 -6.34 7.45
CA LEU B 79 6.80 -6.23 7.69
C LEU B 79 7.51 -5.54 6.55
N TYR B 80 7.11 -5.90 5.32
CA TYR B 80 7.69 -5.38 4.10
C TYR B 80 6.57 -5.10 3.10
N ASN B 81 6.71 -4.00 2.36
CA ASN B 81 5.77 -3.60 1.33
C ASN B 81 6.49 -2.64 0.38
N GLN B 82 7.16 -3.21 -0.61
CA GLN B 82 7.97 -2.48 -1.57
C GLN B 82 7.27 -2.28 -2.90
N SER B 83 7.32 -1.06 -3.42
CA SER B 83 6.74 -0.73 -4.70
C SER B 83 7.70 0.07 -5.57
N PHE B 84 7.51 -0.09 -6.89
CA PHE B 84 8.33 0.60 -7.88
C PHE B 84 8.24 2.11 -7.77
N ASN B 85 9.32 2.77 -8.16
CA ASN B 85 9.33 4.22 -8.27
C ASN B 85 8.21 4.58 -9.25
N GLN B 86 7.32 5.44 -8.77
CA GLN B 86 6.12 5.88 -9.48
C GLN B 86 6.38 6.56 -10.85
N ARG B 87 7.45 7.35 -10.91
CA ARG B 87 7.84 8.02 -12.14
C ARG B 87 8.28 7.00 -13.22
N LEU B 88 8.98 5.96 -12.81
CA LEU B 88 9.37 4.88 -13.72
C LEU B 88 8.17 4.09 -14.25
N ILE B 89 7.14 3.92 -13.40
CA ILE B 89 5.91 3.20 -13.81
C ILE B 89 5.15 4.00 -14.87
N LYS B 90 5.05 5.31 -14.67
CA LYS B 90 4.41 6.19 -15.64
C LYS B 90 5.09 6.14 -17.01
N GLU B 91 6.42 6.17 -17.03
CA GLU B 91 7.19 6.00 -18.28
C GLU B 91 6.87 4.68 -18.96
N VAL B 92 6.87 3.59 -18.19
CA VAL B 92 6.58 2.26 -18.71
C VAL B 92 5.16 2.23 -19.27
N VAL B 93 4.19 2.66 -18.46
CA VAL B 93 2.78 2.70 -18.87
C VAL B 93 2.58 3.54 -20.14
N CYS B 94 3.26 4.69 -20.21
CA CYS B 94 3.24 5.54 -21.40
C CYS B 94 3.80 4.80 -22.63
N LEU B 95 4.96 4.15 -22.48
CA LEU B 95 5.58 3.35 -23.55
C LEU B 95 4.66 2.22 -24.03
N LEU B 96 4.18 1.43 -23.08
CA LEU B 96 3.35 0.26 -23.39
C LEU B 96 2.02 0.61 -24.06
N LYS B 97 1.42 1.74 -23.69
CA LYS B 97 0.21 2.22 -24.39
C LYS B 97 0.55 2.59 -25.84
N LYS B 98 1.68 3.27 -26.05
CA LYS B 98 2.15 3.67 -27.39
C LYS B 98 2.48 2.46 -28.26
N ARG B 99 3.07 1.42 -27.66
CA ARG B 99 3.42 0.18 -28.36
C ARG B 99 2.25 -0.76 -28.66
N GLU B 100 1.10 -0.51 -28.05
CA GLU B 100 -0.12 -1.27 -28.28
C GLU B 100 0.05 -2.78 -28.03
N VAL B 101 0.74 -3.09 -26.94
CA VAL B 101 1.01 -4.46 -26.51
C VAL B 101 0.07 -4.71 -25.36
N ALA B 102 -0.24 -5.98 -25.12
CA ALA B 102 -1.08 -6.36 -23.99
C ALA B 102 -0.23 -6.19 -22.75
N PHE B 103 -0.77 -5.54 -21.72
CA PHE B 103 -0.06 -5.45 -20.43
C PHE B 103 -0.97 -5.19 -19.23
N SER B 104 -0.42 -5.47 -18.05
CA SER B 104 -1.09 -5.13 -16.82
C SER B 104 -0.08 -4.71 -15.78
N ILE B 105 -0.53 -3.91 -14.84
CA ILE B 105 0.28 -3.46 -13.68
C ILE B 105 -0.55 -3.79 -12.44
N GLU B 106 0.12 -4.06 -11.33
CA GLU B 106 -0.58 -4.43 -10.10
C GLU B 106 -0.12 -3.68 -8.90
N SER B 107 -1.12 -3.28 -8.11
CA SER B 107 -0.92 -2.77 -6.78
C SER B 107 -1.32 -3.95 -5.90
N GLN B 108 -1.22 -3.77 -4.60
CA GLN B 108 -1.61 -4.82 -3.66
C GLN B 108 -3.12 -5.02 -3.61
N GLU B 109 -3.89 -4.03 -4.08
CA GLU B 109 -5.34 -4.13 -4.14
C GLU B 109 -5.91 -4.52 -5.49
N LYS B 110 -5.36 -3.98 -6.58
CA LYS B 110 -5.91 -4.15 -7.92
C LYS B 110 -4.93 -4.43 -9.00
N VAL B 111 -5.48 -4.99 -10.09
CA VAL B 111 -4.80 -5.24 -11.34
C VAL B 111 -5.40 -4.18 -12.28
N PHE B 112 -4.53 -3.46 -12.99
CA PHE B 112 -4.92 -2.47 -13.96
C PHE B 112 -4.43 -3.03 -15.29
N MSE B 113 -5.34 -3.24 -16.24
CA MSE B 113 -4.99 -3.85 -17.54
C MSE B 113 -5.60 -3.14 -18.73
O MSE B 113 -6.67 -2.55 -18.62
CB MSE B 113 -5.44 -5.31 -17.56
CG MSE B 113 -6.94 -5.48 -17.41
SE MSE B 113 -7.54 -7.28 -17.28
CE MSE B 113 -6.49 -7.88 -15.67
N ASN B 114 -4.93 -3.26 -19.88
CA ASN B 114 -5.44 -2.65 -21.11
C ASN B 114 -6.43 -3.61 -21.80
N GLN B 115 -6.94 -3.23 -22.96
CA GLN B 115 -7.91 -4.07 -23.68
C GLN B 115 -7.27 -5.39 -24.13
N LYS B 116 -6.10 -5.32 -24.77
CA LYS B 116 -5.40 -6.54 -25.19
C LYS B 116 -5.17 -7.53 -24.03
N ALA B 117 -4.79 -7.02 -22.85
CA ALA B 117 -4.57 -7.86 -21.67
C ALA B 117 -5.87 -8.51 -21.19
N LYS B 118 -6.97 -7.75 -21.16
CA LYS B 118 -8.30 -8.28 -20.80
C LYS B 118 -8.68 -9.43 -21.71
N GLU B 119 -8.46 -9.26 -23.01
CA GLU B 119 -8.74 -10.30 -24.01
C GLU B 119 -7.91 -11.57 -23.77
N ILE B 120 -6.67 -11.42 -23.26
CA ILE B 120 -5.81 -12.55 -22.91
C ILE B 120 -6.37 -13.31 -21.72
N PHE B 121 -6.82 -12.58 -20.69
CA PHE B 121 -7.40 -13.23 -19.49
C PHE B 121 -8.76 -13.84 -19.78
N GLU B 122 -9.56 -13.20 -20.63
CA GLU B 122 -10.86 -13.79 -21.04
C GLU B 122 -10.62 -15.15 -21.70
N THR B 123 -9.70 -15.20 -22.67
CA THR B 123 -9.33 -16.45 -23.33
C THR B 123 -8.71 -17.47 -22.36
N MSE B 124 -7.88 -17.03 -21.41
CA MSE B 124 -7.35 -17.95 -20.38
C MSE B 124 -8.49 -18.59 -19.60
O MSE B 124 -8.45 -19.79 -19.37
CB MSE B 124 -6.37 -17.28 -19.41
CG MSE B 124 -4.99 -17.09 -19.96
SE MSE B 124 -3.78 -16.15 -18.72
CE MSE B 124 -2.13 -16.12 -19.86
N ASN B 125 -9.50 -17.80 -19.24
CA ASN B 125 -10.67 -18.33 -18.52
C ASN B 125 -11.50 -19.31 -19.32
N GLN B 126 -11.70 -19.04 -20.61
CA GLN B 126 -12.39 -19.98 -21.51
C GLN B 126 -11.66 -21.33 -21.57
N LEU B 127 -10.32 -21.28 -21.41
CA LEU B 127 -9.45 -22.47 -21.32
C LEU B 127 -9.22 -22.74 -19.81
N LYS B 128 -10.31 -22.92 -19.06
CA LYS B 128 -10.23 -23.09 -17.59
C LYS B 128 -9.62 -24.43 -17.18
N THR B 144 -15.50 -10.15 -13.51
CA THR B 144 -15.09 -9.94 -14.90
C THR B 144 -13.87 -9.01 -15.01
N TYR B 145 -13.13 -9.18 -16.11
CA TYR B 145 -11.94 -8.38 -16.40
C TYR B 145 -12.38 -7.14 -17.16
N GLU B 146 -11.64 -6.05 -16.95
CA GLU B 146 -11.97 -4.76 -17.57
C GLU B 146 -10.75 -3.98 -18.03
N ASN B 147 -10.91 -3.26 -19.15
CA ASN B 147 -9.90 -2.32 -19.63
C ASN B 147 -10.02 -1.13 -18.67
N ASN B 148 -9.22 -1.17 -17.62
CA ASN B 148 -9.20 -0.19 -16.57
C ASN B 148 -7.81 0.43 -16.37
N ILE B 149 -6.92 0.35 -17.35
CA ILE B 149 -5.55 0.92 -17.22
C ILE B 149 -5.60 2.44 -16.99
N GLU B 150 -6.61 3.12 -17.52
CA GLU B 150 -6.77 4.57 -17.29
C GLU B 150 -7.10 4.91 -15.84
N GLU B 151 -7.50 3.92 -15.02
CA GLU B 151 -7.72 4.11 -13.58
C GLU B 151 -6.41 4.17 -12.81
N TYR B 152 -5.30 3.79 -13.43
CA TYR B 152 -3.98 3.91 -12.80
C TYR B 152 -3.60 5.38 -12.83
N LYS B 153 -3.07 5.85 -11.70
CA LYS B 153 -2.52 7.18 -11.61
C LYS B 153 -1.49 7.25 -10.49
N SER B 154 -1.93 7.01 -9.25
CA SER B 154 -1.08 7.16 -8.07
C SER B 154 -0.93 5.91 -7.22
N GLN B 155 -1.47 4.78 -7.66
CA GLN B 155 -1.41 3.54 -6.85
C GLN B 155 0.04 3.04 -6.79
N ASP B 156 0.38 2.32 -5.74
CA ASP B 156 1.73 1.80 -5.58
C ASP B 156 1.76 0.48 -6.36
N ILE B 157 2.70 0.40 -7.31
CA ILE B 157 2.83 -0.74 -8.22
C ILE B 157 4.06 -1.58 -7.97
N HIS B 158 3.89 -2.89 -7.90
CA HIS B 158 4.99 -3.84 -7.66
C HIS B 158 5.21 -4.89 -8.77
N LYS B 159 4.31 -4.93 -9.77
CA LYS B 159 4.44 -5.91 -10.83
C LYS B 159 3.94 -5.38 -12.16
N ILE B 160 4.63 -5.72 -13.24
CA ILE B 160 4.19 -5.43 -14.62
C ILE B 160 4.16 -6.76 -15.38
N CYS B 161 3.01 -7.10 -15.97
CA CYS B 161 2.86 -8.29 -16.82
C CYS B 161 2.79 -7.76 -18.26
N LEU B 162 3.70 -8.25 -19.10
CA LEU B 162 3.91 -7.78 -20.46
C LEU B 162 3.90 -8.93 -21.47
N TRP B 163 3.09 -8.82 -22.52
CA TRP B 163 3.11 -9.73 -23.68
C TRP B 163 3.60 -8.91 -24.87
N SER B 164 4.87 -9.08 -25.24
CA SER B 164 5.47 -8.32 -26.36
C SER B 164 6.71 -8.99 -26.93
N ASN B 165 7.22 -8.43 -28.03
CA ASN B 165 8.49 -8.90 -28.61
C ASN B 165 9.67 -8.45 -27.73
N GLU B 166 10.87 -8.91 -28.10
CA GLU B 166 12.11 -8.58 -27.39
C GLU B 166 12.46 -7.09 -27.43
N LYS B 167 12.07 -6.40 -28.50
CA LYS B 167 12.38 -4.96 -28.65
C LYS B 167 11.60 -4.09 -27.67
N VAL B 168 10.29 -4.34 -27.53
CA VAL B 168 9.45 -3.63 -26.56
C VAL B 168 9.93 -3.93 -25.14
N PHE B 169 10.30 -5.18 -24.87
CA PHE B 169 10.84 -5.55 -23.56
C PHE B 169 12.14 -4.79 -23.24
N ASP B 170 13.02 -4.69 -24.23
CA ASP B 170 14.28 -3.94 -24.08
C ASP B 170 14.03 -2.46 -23.77
N GLU B 171 12.96 -1.90 -24.34
CA GLU B 171 12.55 -0.54 -24.04
C GLU B 171 12.11 -0.40 -22.59
N VAL B 172 11.36 -1.38 -22.08
CA VAL B 172 10.98 -1.38 -20.67
C VAL B 172 12.26 -1.52 -19.82
N LYS B 173 13.21 -2.37 -20.25
CA LYS B 173 14.48 -2.56 -19.52
C LYS B 173 15.32 -1.27 -19.50
N ASP B 174 15.26 -0.48 -20.58
N ASP B 174 15.25 -0.47 -20.57
CA ASP B 174 15.93 0.82 -20.65
CA ASP B 174 15.97 0.81 -20.60
C ASP B 174 15.38 1.81 -19.62
C ASP B 174 15.38 1.82 -19.59
N ILE B 175 14.09 1.72 -19.30
CA ILE B 175 13.43 2.58 -18.29
C ILE B 175 13.74 2.08 -16.89
N LEU B 176 13.47 0.81 -16.62
CA LEU B 176 13.64 0.23 -15.27
C LEU B 176 15.07 -0.15 -14.92
N GLN B 177 15.83 -0.65 -15.89
CA GLN B 177 17.23 -1.07 -15.73
C GLN B 177 17.43 -2.00 -14.52
N ASP B 178 18.34 -1.64 -13.61
CA ASP B 178 18.66 -2.45 -12.43
C ASP B 178 17.57 -2.51 -11.35
N LYS B 179 16.52 -1.71 -11.49
CA LYS B 179 15.42 -1.73 -10.53
C LYS B 179 14.50 -2.93 -10.73
N MSE B 180 14.54 -3.57 -11.91
CA MSE B 180 13.68 -4.72 -12.24
C MSE B 180 14.39 -6.05 -12.39
O MSE B 180 15.61 -6.12 -12.57
CB MSE B 180 12.99 -4.50 -13.60
CG MSE B 180 13.92 -4.39 -14.86
SE MSE B 180 12.81 -4.75 -16.44
CE MSE B 180 12.70 -6.64 -16.27
N GLU B 181 13.61 -7.11 -12.28
CA GLU B 181 14.04 -8.44 -12.72
C GLU B 181 12.78 -9.16 -13.16
N LEU B 182 12.97 -10.28 -13.83
CA LEU B 182 11.86 -11.12 -14.28
C LEU B 182 11.56 -12.13 -13.17
N ALA B 183 10.30 -12.18 -12.74
CA ALA B 183 9.85 -13.20 -11.82
C ALA B 183 9.62 -14.52 -12.57
N GLN B 184 9.23 -14.38 -13.84
CA GLN B 184 8.77 -15.49 -14.65
C GLN B 184 8.86 -15.04 -16.12
N ARG B 185 8.97 -16.00 -17.02
CA ARG B 185 9.12 -15.74 -18.46
CA ARG B 185 9.04 -15.73 -18.45
C ARG B 185 8.62 -16.95 -19.24
N ASP B 186 7.67 -16.75 -20.16
CA ASP B 186 7.19 -17.80 -21.03
C ASP B 186 7.52 -17.32 -22.44
N ILE B 187 8.61 -17.84 -23.00
CA ILE B 187 9.08 -17.40 -24.33
C ILE B 187 8.01 -17.62 -25.43
N SER B 188 7.40 -18.81 -25.42
CA SER B 188 6.43 -19.21 -26.44
C SER B 188 5.28 -18.22 -26.61
N SER B 189 4.74 -17.72 -25.50
CA SER B 189 3.64 -16.73 -25.53
C SER B 189 4.12 -15.26 -25.42
N GLN B 190 5.44 -15.05 -25.46
CA GLN B 190 6.07 -13.72 -25.35
C GLN B 190 5.75 -12.98 -24.03
N TYR B 191 5.60 -13.76 -22.95
CA TYR B 191 5.16 -13.24 -21.67
C TYR B 191 6.33 -12.95 -20.76
N TYR B 192 6.35 -11.76 -20.17
CA TYR B 192 7.33 -11.36 -19.16
C TYR B 192 6.56 -10.94 -17.91
N GLU B 193 7.01 -11.40 -16.73
CA GLU B 193 6.42 -11.00 -15.46
C GLU B 193 7.51 -10.21 -14.77
N ILE B 194 7.36 -8.90 -14.74
CA ILE B 194 8.37 -7.97 -14.27
C ILE B 194 8.04 -7.55 -12.84
N ILE B 195 9.03 -7.75 -11.97
CA ILE B 195 8.98 -7.40 -10.55
C ILE B 195 10.23 -6.55 -10.26
N GLN B 196 10.40 -6.14 -9.00
CA GLN B 196 11.52 -5.32 -8.58
C GLN B 196 12.72 -6.19 -8.23
N LYS B 197 13.90 -5.74 -8.62
CA LYS B 197 15.13 -6.47 -8.36
C LYS B 197 15.21 -6.80 -6.87
N ASP B 198 15.45 -8.08 -6.58
CA ASP B 198 15.59 -8.63 -5.25
C ASP B 198 14.30 -8.67 -4.44
N PHE B 199 13.13 -8.64 -5.07
CA PHE B 199 11.86 -8.79 -4.35
C PHE B 199 11.07 -9.99 -4.95
N HIS B 200 11.80 -11.07 -5.28
CA HIS B 200 11.23 -12.33 -5.74
C HIS B 200 10.91 -13.17 -4.49
N LYS B 201 10.22 -14.30 -4.67
CA LYS B 201 9.75 -15.15 -3.56
C LYS B 201 10.90 -15.59 -2.66
N GLY B 202 12.05 -15.93 -3.25
CA GLY B 202 13.23 -16.33 -2.48
C GLY B 202 13.78 -15.27 -1.55
N LYS B 203 13.84 -14.03 -2.02
CA LYS B 203 14.34 -12.92 -1.20
C LYS B 203 13.39 -12.61 -0.06
N ALA B 204 12.09 -12.66 -0.34
CA ALA B 204 11.05 -12.45 0.66
C ALA B 204 11.13 -13.52 1.74
N ILE B 205 11.36 -14.76 1.34
CA ILE B 205 11.49 -15.87 2.28
C ILE B 205 12.69 -15.57 3.21
N LYS B 206 13.80 -15.07 2.66
CA LYS B 206 14.99 -14.73 3.47
C LYS B 206 14.71 -13.59 4.45
N ARG B 207 14.10 -12.50 3.97
CA ARG B 207 13.67 -11.38 4.84
C ARG B 207 12.80 -11.87 5.99
N LEU B 208 11.82 -12.72 5.70
CA LEU B 208 10.91 -13.28 6.73
C LEU B 208 11.65 -14.13 7.75
N GLN B 209 12.50 -15.03 7.26
CA GLN B 209 13.39 -15.88 8.07
C GLN B 209 14.19 -15.01 9.02
N GLU B 210 14.78 -13.93 8.50
CA GLU B 210 15.58 -12.99 9.33
C GLU B 210 14.73 -12.32 10.40
N ARG B 211 13.48 -11.95 10.09
CA ARG B 211 12.57 -11.34 11.07
C ARG B 211 12.17 -12.36 12.14
N LEU B 212 11.82 -13.57 11.71
CA LEU B 212 11.41 -14.64 12.63
C LEU B 212 12.53 -15.34 13.42
N GLY B 213 13.79 -15.19 13.01
CA GLY B 213 14.90 -15.92 13.63
C GLY B 213 14.92 -17.40 13.25
N VAL B 214 14.38 -17.70 12.06
CA VAL B 214 14.31 -19.03 11.50
C VAL B 214 15.45 -19.12 10.47
N THR B 215 16.04 -20.30 10.31
CA THR B 215 17.13 -20.55 9.34
C THR B 215 16.60 -21.24 8.09
N GLN B 216 17.46 -21.31 7.06
CA GLN B 216 17.15 -22.01 5.81
C GLN B 216 16.88 -23.49 6.07
N LYS B 217 17.72 -24.09 6.91
CA LYS B 217 17.63 -25.49 7.35
C LYS B 217 16.34 -25.82 8.06
N GLU B 218 15.74 -24.82 8.71
CA GLU B 218 14.46 -24.95 9.38
C GLU B 218 13.26 -24.65 8.46
N THR B 219 13.49 -24.41 7.17
CA THR B 219 12.44 -24.07 6.21
C THR B 219 12.25 -25.15 5.16
N ILE B 220 10.98 -25.41 4.81
CA ILE B 220 10.59 -26.38 3.79
C ILE B 220 9.55 -25.66 2.93
N CYS B 221 9.66 -25.79 1.61
CA CYS B 221 8.69 -25.15 0.70
CA CYS B 221 8.76 -25.14 0.65
C CYS B 221 8.10 -26.11 -0.30
N PHE B 222 6.92 -25.73 -0.81
CA PHE B 222 6.19 -26.45 -1.86
C PHE B 222 5.87 -25.42 -2.93
N GLY B 223 6.27 -25.71 -4.16
CA GLY B 223 6.01 -24.84 -5.29
C GLY B 223 5.61 -25.64 -6.50
N ASP B 224 5.29 -24.92 -7.58
CA ASP B 224 4.86 -25.53 -8.85
C ASP B 224 5.32 -24.79 -10.12
N GLY B 225 5.42 -23.46 -10.08
CA GLY B 225 5.77 -22.65 -11.27
C GLY B 225 7.21 -22.18 -11.32
N GLN B 226 7.54 -21.50 -12.42
CA GLN B 226 8.89 -20.95 -12.65
C GLN B 226 9.24 -19.89 -11.61
N ASN B 227 8.23 -19.20 -11.09
CA ASN B 227 8.40 -18.23 -10.01
C ASN B 227 8.75 -18.82 -8.65
N ASP B 228 8.71 -20.15 -8.53
CA ASP B 228 9.05 -20.89 -7.32
C ASP B 228 10.44 -21.45 -7.31
N ILE B 229 11.17 -21.37 -8.42
CA ILE B 229 12.52 -21.90 -8.51
C ILE B 229 13.39 -21.22 -7.44
N VAL B 230 13.22 -19.90 -7.28
CA VAL B 230 13.89 -19.08 -6.25
C VAL B 230 13.67 -19.52 -4.82
N MSE B 231 12.57 -20.23 -4.55
CA MSE B 231 12.33 -20.79 -3.20
C MSE B 231 13.47 -21.73 -2.74
O MSE B 231 13.77 -21.77 -1.54
CB MSE B 231 11.04 -21.57 -3.12
CG MSE B 231 9.74 -20.83 -3.31
SE MSE B 231 8.24 -22.11 -3.01
CE MSE B 231 6.97 -20.80 -2.73
N PHE B 232 14.08 -22.46 -3.70
CA PHE B 232 15.15 -23.44 -3.43
C PHE B 232 16.33 -22.94 -2.62
N GLN B 233 16.88 -21.79 -2.98
CA GLN B 233 18.04 -21.23 -2.24
C GLN B 233 17.66 -20.65 -0.89
N ALA B 234 16.37 -20.41 -0.67
CA ALA B 234 15.84 -19.97 0.61
C ALA B 234 15.42 -21.15 1.51
N SER B 235 15.37 -22.39 0.98
CA SER B 235 14.88 -23.56 1.73
C SER B 235 15.84 -24.72 1.86
N ASP B 236 15.58 -25.53 2.90
CA ASP B 236 16.30 -26.78 3.15
C ASP B 236 15.80 -27.82 2.16
N VAL B 237 14.46 -27.97 2.10
CA VAL B 237 13.75 -28.91 1.26
C VAL B 237 12.75 -28.17 0.38
N THR B 238 12.71 -28.53 -0.88
CA THR B 238 11.82 -27.92 -1.87
C THR B 238 11.09 -29.05 -2.54
N ILE B 239 9.77 -28.98 -2.51
CA ILE B 239 8.94 -30.05 -3.02
C ILE B 239 8.13 -29.52 -4.19
N ALA B 240 8.08 -30.30 -5.26
CA ALA B 240 7.29 -30.01 -6.45
C ALA B 240 6.29 -31.14 -6.67
N MSE B 241 5.40 -30.95 -7.64
CA MSE B 241 4.44 -31.98 -8.09
CA MSE B 241 4.36 -31.88 -8.01
C MSE B 241 4.77 -32.39 -9.48
O MSE B 241 5.61 -31.77 -10.15
CB MSE B 241 3.02 -31.48 -8.08
CB MSE B 241 2.98 -31.14 -7.84
CG MSE B 241 2.35 -31.77 -6.78
CG MSE B 241 2.19 -30.96 -6.32
SE MSE B 241 1.01 -30.54 -6.45
SE MSE B 241 2.49 -29.83 -4.46
CE MSE B 241 2.29 -29.01 -6.45
CE MSE B 241 3.39 -28.41 -5.23
N LYS B 242 4.18 -33.51 -9.92
CA LYS B 242 4.44 -34.11 -11.26
C LYS B 242 4.17 -33.17 -12.43
N ASN B 243 3.16 -32.33 -12.22
CA ASN B 243 2.67 -31.33 -13.19
C ASN B 243 3.41 -29.97 -13.13
N SER B 244 4.37 -29.85 -12.20
CA SER B 244 5.14 -28.63 -12.00
C SER B 244 6.07 -28.33 -13.13
N HIS B 245 6.46 -27.06 -13.18
CA HIS B 245 7.41 -26.54 -14.14
C HIS B 245 8.67 -27.42 -14.08
N GLN B 246 9.18 -27.81 -15.25
CA GLN B 246 10.27 -28.77 -15.35
C GLN B 246 11.54 -28.28 -14.67
N GLN B 247 11.87 -26.99 -14.80
CA GLN B 247 13.03 -26.41 -14.12
C GLN B 247 12.95 -26.53 -12.60
N LEU B 248 11.73 -26.45 -12.05
CA LEU B 248 11.48 -26.63 -10.61
C LEU B 248 11.67 -28.09 -10.22
N LYS B 249 11.04 -28.99 -10.97
CA LYS B 249 11.15 -30.44 -10.74
C LYS B 249 12.59 -30.93 -10.77
N ASP B 250 13.40 -30.37 -11.68
CA ASP B 250 14.81 -30.74 -11.83
C ASP B 250 15.69 -30.39 -10.61
N ILE B 251 15.32 -29.34 -9.86
CA ILE B 251 16.05 -28.94 -8.65
C ILE B 251 15.36 -29.34 -7.35
N ALA B 252 14.09 -29.75 -7.42
CA ALA B 252 13.33 -30.15 -6.24
C ALA B 252 13.95 -31.33 -5.50
N THR B 253 13.87 -31.29 -4.17
CA THR B 253 14.29 -32.39 -3.33
C THR B 253 13.46 -33.63 -3.66
N SER B 254 12.16 -33.44 -3.81
CA SER B 254 11.26 -34.53 -4.12
C SER B 254 10.05 -34.06 -4.85
N ILE B 255 9.32 -35.02 -5.42
CA ILE B 255 8.06 -34.77 -6.10
C ILE B 255 7.01 -35.44 -5.22
N CYS B 256 6.04 -34.69 -4.74
CA CYS B 256 4.93 -35.26 -3.97
C CYS B 256 3.81 -35.49 -4.97
N GLU B 257 2.72 -36.10 -4.51
CA GLU B 257 1.55 -36.40 -5.35
C GLU B 257 0.81 -35.12 -5.69
N ASP B 258 -0.14 -35.23 -6.62
CA ASP B 258 -0.93 -34.07 -7.06
CA ASP B 258 -0.94 -34.08 -7.05
C ASP B 258 -1.77 -33.56 -5.88
N ILE B 259 -2.27 -32.34 -6.02
CA ILE B 259 -3.08 -31.63 -5.02
C ILE B 259 -4.14 -32.54 -4.35
N PHE B 260 -5.08 -33.07 -5.14
CA PHE B 260 -6.17 -33.93 -4.65
C PHE B 260 -5.84 -35.41 -4.43
N ASP B 261 -4.56 -35.74 -4.62
CA ASP B 261 -3.98 -37.01 -4.23
C ASP B 261 -3.24 -36.77 -2.87
N ASN B 262 -3.59 -35.67 -2.18
CA ASN B 262 -3.09 -35.30 -0.86
C ASN B 262 -1.58 -35.15 -0.78
N GLY B 263 -0.99 -34.62 -1.85
CA GLY B 263 0.46 -34.44 -1.93
C GLY B 263 1.13 -33.75 -0.76
N ILE B 264 0.59 -32.60 -0.36
CA ILE B 264 1.21 -31.83 0.74
C ILE B 264 1.15 -32.62 2.03
N TYR B 265 -0.05 -33.09 2.38
CA TYR B 265 -0.24 -33.92 3.59
C TYR B 265 0.70 -35.14 3.64
N LYS B 266 0.70 -35.92 2.57
CA LYS B 266 1.52 -37.13 2.48
C LYS B 266 3.01 -36.84 2.55
N GLU B 267 3.44 -35.77 1.88
CA GLU B 267 4.86 -35.34 1.91
C GLU B 267 5.29 -34.95 3.32
N LEU B 268 4.46 -34.14 3.96
CA LEU B 268 4.72 -33.72 5.35
C LEU B 268 4.71 -34.90 6.33
N LYS B 269 3.83 -35.87 6.09
CA LYS B 269 3.72 -37.09 6.92
C LYS B 269 4.99 -37.95 6.72
N ARG B 270 5.41 -38.14 5.47
CA ARG B 270 6.65 -38.90 5.15
C ARG B 270 7.91 -38.31 5.79
N ARG B 271 7.99 -36.98 5.84
CA ARG B 271 9.12 -36.27 6.43
C ARG B 271 9.01 -36.09 7.95
N ASN B 272 7.91 -36.61 8.53
CA ASN B 272 7.61 -36.55 9.97
C ASN B 272 7.48 -35.14 10.54
N ILE B 273 6.99 -34.22 9.68
CA ILE B 273 6.74 -32.83 10.07
C ILE B 273 5.36 -32.79 10.74
N ILE B 274 4.45 -33.68 10.32
CA ILE B 274 3.14 -33.86 10.93
C ILE B 274 2.94 -35.37 11.25
P PO4 C . -5.19 18.00 4.96
O1 PO4 C . -6.35 17.15 4.44
O2 PO4 C . -4.39 17.24 6.00
O3 PO4 C . -4.32 18.31 3.77
O4 PO4 C . -5.75 19.28 5.55
C1 EDO D . 11.27 9.78 13.84
O1 EDO D . 10.45 10.58 12.98
C2 EDO D . 12.43 9.20 13.04
O2 EDO D . 13.27 10.23 12.50
C1 EDO E . -6.92 -11.66 5.91
O1 EDO E . -7.84 -11.02 5.02
C2 EDO E . -5.49 -11.25 5.56
O2 EDO E . -5.38 -9.83 5.32
C1 EDO F . -7.27 38.98 -3.82
O1 EDO F . -6.50 38.60 -4.97
C2 EDO F . -6.57 40.06 -3.02
O2 EDO F . -5.27 39.67 -2.56
C1 EDO G . 14.29 20.60 -5.09
O1 EDO G . 13.92 21.20 -6.34
C2 EDO G . 15.57 19.80 -5.23
O2 EDO G . 15.29 18.53 -5.87
C1 EDO H . -1.64 8.39 22.54
O1 EDO H . -1.12 9.53 21.83
C2 EDO H . -0.76 7.19 22.22
O2 EDO H . -1.43 5.96 22.49
NA NA I . 1.95 -21.71 -8.83
P PO4 J . 1.14 -18.43 -7.58
O1 PO4 J . 1.35 -19.85 -8.00
O2 PO4 J . 2.52 -17.82 -7.37
O3 PO4 J . 0.29 -17.70 -8.57
O4 PO4 J . 0.36 -18.45 -6.28
C1 EDO K . -7.30 -39.60 -4.21
O1 EDO K . -7.95 -39.05 -3.05
C2 EDO K . -6.33 -40.68 -3.80
O2 EDO K . -5.00 -40.20 -3.82
C1 EDO L . 1.24 11.10 -9.25
O1 EDO L . 0.01 10.43 -9.56
C2 EDO L . 1.84 10.53 -7.97
O2 EDO L . 1.83 9.09 -7.97
C1 EDO M . 2.42 -21.49 14.01
O1 EDO M . 1.07 -21.28 14.45
C2 EDO M . 3.28 -22.07 15.11
O2 EDO M . 4.32 -21.13 15.41
#